data_1D93
# 
_entry.id   1D93 
# 
_audit_conform.dict_name       mmcif_pdbx.dic 
_audit_conform.dict_version    5.385 
_audit_conform.dict_location   http://mmcif.pdb.org/dictionaries/ascii/mmcif_pdbx.dic 
# 
loop_
_database_2.database_id 
_database_2.database_code 
_database_2.pdbx_database_accession 
_database_2.pdbx_DOI 
PDB   1D93         pdb_00001d93 10.2210/pdb1d93/pdb 
RCSB  ADH020       ?            ?                   
WWPDB D_1000172690 ?            ?                   
# 
loop_
_pdbx_audit_revision_history.ordinal 
_pdbx_audit_revision_history.data_content_type 
_pdbx_audit_revision_history.major_revision 
_pdbx_audit_revision_history.minor_revision 
_pdbx_audit_revision_history.revision_date 
1 'Structure model' 1 0 1993-07-15 
2 'Structure model' 1 1 2008-05-22 
3 'Structure model' 1 2 2011-07-13 
4 'Structure model' 1 3 2024-02-07 
# 
_pdbx_audit_revision_details.ordinal             1 
_pdbx_audit_revision_details.revision_ordinal    1 
_pdbx_audit_revision_details.data_content_type   'Structure model' 
_pdbx_audit_revision_details.provider            repository 
_pdbx_audit_revision_details.type                'Initial release' 
_pdbx_audit_revision_details.description         ? 
_pdbx_audit_revision_details.details             ? 
# 
loop_
_pdbx_audit_revision_group.ordinal 
_pdbx_audit_revision_group.revision_ordinal 
_pdbx_audit_revision_group.data_content_type 
_pdbx_audit_revision_group.group 
1 2 'Structure model' 'Version format compliance' 
2 3 'Structure model' 'Version format compliance' 
3 4 'Structure model' 'Data collection'           
4 4 'Structure model' 'Database references'       
# 
loop_
_pdbx_audit_revision_category.ordinal 
_pdbx_audit_revision_category.revision_ordinal 
_pdbx_audit_revision_category.data_content_type 
_pdbx_audit_revision_category.category 
1 4 'Structure model' chem_comp_atom 
2 4 'Structure model' chem_comp_bond 
3 4 'Structure model' database_2     
# 
loop_
_pdbx_audit_revision_item.ordinal 
_pdbx_audit_revision_item.revision_ordinal 
_pdbx_audit_revision_item.data_content_type 
_pdbx_audit_revision_item.item 
1 4 'Structure model' '_database_2.pdbx_DOI'                
2 4 'Structure model' '_database_2.pdbx_database_accession' 
# 
_pdbx_database_status.status_code                     REL 
_pdbx_database_status.entry_id                        1D93 
_pdbx_database_status.recvd_initial_deposition_date   1992-10-17 
_pdbx_database_status.deposit_site                    BNL 
_pdbx_database_status.process_site                    NDB 
_pdbx_database_status.SG_entry                        . 
_pdbx_database_status.pdb_format_compatible           Y 
_pdbx_database_status.status_code_mr                  ? 
_pdbx_database_status.status_code_sf                  ? 
_pdbx_database_status.status_code_cs                  ? 
_pdbx_database_status.status_code_nmr_data            ? 
_pdbx_database_status.methods_development_category    ? 
# 
loop_
_audit_author.name 
_audit_author.pdbx_ordinal 
'Hunter, W.N.'             1 
;Langlois D'Estaintot, B.
;
2 
'Kennard, O.'              3 
# 
_citation.id                        primary 
_citation.title                     'Structural variation in d(CTCTAGAG). Implications for protein-DNA interactions.' 
_citation.journal_abbrev            Biochemistry 
_citation.journal_volume            28 
_citation.page_first                2444 
_citation.page_last                 2451 
_citation.year                      1989 
_citation.journal_id_ASTM           BICHAW 
_citation.country                   US 
_citation.journal_id_ISSN           0006-2960 
_citation.journal_id_CSD            0033 
_citation.book_publisher            ? 
_citation.pdbx_database_id_PubMed   2730875 
_citation.pdbx_database_id_DOI      10.1021/bi00432a015 
# 
loop_
_citation_author.citation_id 
_citation_author.name 
_citation_author.ordinal 
_citation_author.identifier_ORCID 
primary 'Hunter, W.N.'      1 ? 
primary 
;D'Estaintot, B.L.
;
2 ? 
primary 'Kennard, O.'       3 ? 
# 
loop_
_entity.id 
_entity.type 
_entity.src_method 
_entity.pdbx_description 
_entity.formula_weight 
_entity.pdbx_number_of_molecules 
_entity.pdbx_ec 
_entity.pdbx_mutation 
_entity.pdbx_fragment 
_entity.details 
1 polymer syn 
;DNA (5'-D(*CP*TP*CP*TP*AP*GP*AP*G)-3')
;
2426.617 1  ? ? ? ? 
2 water   nat water                                    18.015   35 ? ? ? ? 
# 
_entity_poly.entity_id                      1 
_entity_poly.type                           polydeoxyribonucleotide 
_entity_poly.nstd_linkage                   no 
_entity_poly.nstd_monomer                   no 
_entity_poly.pdbx_seq_one_letter_code       '(DC)(DT)(DC)(DT)(DA)(DG)(DA)(DG)' 
_entity_poly.pdbx_seq_one_letter_code_can   CTCTAGAG 
_entity_poly.pdbx_strand_id                 A 
_entity_poly.pdbx_target_identifier         ? 
# 
_pdbx_entity_nonpoly.entity_id   2 
_pdbx_entity_nonpoly.name        water 
_pdbx_entity_nonpoly.comp_id     HOH 
# 
loop_
_entity_poly_seq.entity_id 
_entity_poly_seq.num 
_entity_poly_seq.mon_id 
_entity_poly_seq.hetero 
1 1 DC n 
1 2 DT n 
1 3 DC n 
1 4 DT n 
1 5 DA n 
1 6 DG n 
1 7 DA n 
1 8 DG n 
# 
loop_
_chem_comp.id 
_chem_comp.type 
_chem_comp.mon_nstd_flag 
_chem_comp.name 
_chem_comp.pdbx_synonyms 
_chem_comp.formula 
_chem_comp.formula_weight 
DA  'DNA linking' y "2'-DEOXYADENOSINE-5'-MONOPHOSPHATE" ? 'C10 H14 N5 O6 P' 331.222 
DC  'DNA linking' y "2'-DEOXYCYTIDINE-5'-MONOPHOSPHATE"  ? 'C9 H14 N3 O7 P'  307.197 
DG  'DNA linking' y "2'-DEOXYGUANOSINE-5'-MONOPHOSPHATE" ? 'C10 H14 N5 O7 P' 347.221 
DT  'DNA linking' y "THYMIDINE-5'-MONOPHOSPHATE"         ? 'C10 H15 N2 O8 P' 322.208 
HOH non-polymer   . WATER                                ? 'H2 O'            18.015  
# 
loop_
_pdbx_poly_seq_scheme.asym_id 
_pdbx_poly_seq_scheme.entity_id 
_pdbx_poly_seq_scheme.seq_id 
_pdbx_poly_seq_scheme.mon_id 
_pdbx_poly_seq_scheme.ndb_seq_num 
_pdbx_poly_seq_scheme.pdb_seq_num 
_pdbx_poly_seq_scheme.auth_seq_num 
_pdbx_poly_seq_scheme.pdb_mon_id 
_pdbx_poly_seq_scheme.auth_mon_id 
_pdbx_poly_seq_scheme.pdb_strand_id 
_pdbx_poly_seq_scheme.pdb_ins_code 
_pdbx_poly_seq_scheme.hetero 
A 1 1 DC 1 1 1 DC C A . n 
A 1 2 DT 2 2 2 DT T A . n 
A 1 3 DC 3 3 3 DC C A . n 
A 1 4 DT 4 4 4 DT T A . n 
A 1 5 DA 5 5 5 DA A A . n 
A 1 6 DG 6 6 6 DG G A . n 
A 1 7 DA 7 7 7 DA A A . n 
A 1 8 DG 8 8 8 DG G A . n 
# 
loop_
_pdbx_nonpoly_scheme.asym_id 
_pdbx_nonpoly_scheme.entity_id 
_pdbx_nonpoly_scheme.mon_id 
_pdbx_nonpoly_scheme.ndb_seq_num 
_pdbx_nonpoly_scheme.pdb_seq_num 
_pdbx_nonpoly_scheme.auth_seq_num 
_pdbx_nonpoly_scheme.pdb_mon_id 
_pdbx_nonpoly_scheme.auth_mon_id 
_pdbx_nonpoly_scheme.pdb_strand_id 
_pdbx_nonpoly_scheme.pdb_ins_code 
B 2 HOH 1  9  9  HOH HOH A . 
B 2 HOH 2  10 10 HOH HOH A . 
B 2 HOH 3  11 11 HOH HOH A . 
B 2 HOH 4  12 12 HOH HOH A . 
B 2 HOH 5  13 13 HOH HOH A . 
B 2 HOH 6  14 14 HOH HOH A . 
B 2 HOH 7  15 15 HOH HOH A . 
B 2 HOH 8  16 16 HOH HOH A . 
B 2 HOH 9  17 17 HOH HOH A . 
B 2 HOH 10 18 18 HOH HOH A . 
B 2 HOH 11 19 19 HOH HOH A . 
B 2 HOH 12 20 20 HOH HOH A . 
B 2 HOH 13 21 21 HOH HOH A . 
B 2 HOH 14 22 22 HOH HOH A . 
B 2 HOH 15 23 23 HOH HOH A . 
B 2 HOH 16 24 24 HOH HOH A . 
B 2 HOH 17 25 25 HOH HOH A . 
B 2 HOH 18 26 26 HOH HOH A . 
B 2 HOH 19 27 27 HOH HOH A . 
B 2 HOH 20 28 28 HOH HOH A . 
B 2 HOH 21 29 29 HOH HOH A . 
B 2 HOH 22 30 30 HOH HOH A . 
B 2 HOH 23 31 31 HOH HOH A . 
B 2 HOH 24 32 32 HOH HOH A . 
B 2 HOH 25 33 33 HOH HOH A . 
B 2 HOH 26 34 34 HOH HOH A . 
B 2 HOH 27 35 35 HOH HOH A . 
B 2 HOH 28 36 36 HOH HOH A . 
B 2 HOH 29 37 37 HOH HOH A . 
B 2 HOH 30 38 38 HOH HOH A . 
B 2 HOH 31 39 39 HOH HOH A . 
B 2 HOH 32 40 40 HOH HOH A . 
B 2 HOH 33 41 41 HOH HOH A . 
B 2 HOH 34 42 42 HOH HOH A . 
B 2 HOH 35 43 43 HOH HOH A . 
# 
_software.name             NUCLSQ 
_software.classification   refinement 
_software.version          . 
_software.citation_id      ? 
_software.pdbx_ordinal     1 
# 
_cell.entry_id           1D93 
_cell.length_a           42.520 
_cell.length_b           42.520 
_cell.length_c           24.330 
_cell.angle_alpha        90.00 
_cell.angle_beta         90.00 
_cell.angle_gamma        90.00 
_cell.Z_PDB              8 
_cell.pdbx_unique_axis   ? 
# 
_symmetry.entry_id                         1D93 
_symmetry.space_group_name_H-M             'P 43 21 2' 
_symmetry.pdbx_full_space_group_name_H-M   ? 
_symmetry.cell_setting                     ? 
_symmetry.Int_Tables_number                96 
# 
_exptl.entry_id          1D93 
_exptl.method            'X-RAY DIFFRACTION' 
_exptl.crystals_number   ? 
# 
_exptl_crystal.id                    1 
_exptl_crystal.density_meas          ? 
_exptl_crystal.density_Matthews      2.27 
_exptl_crystal.density_percent_sol   45.72 
_exptl_crystal.description           ? 
# 
_exptl_crystal_grow.crystal_id      1 
_exptl_crystal_grow.method          'VAPOR DIFFUSION, SITTING DROP' 
_exptl_crystal_grow.temp            291.00 
_exptl_crystal_grow.temp_details    ? 
_exptl_crystal_grow.pH              6.80 
_exptl_crystal_grow.pdbx_details    'pH 6.80, VAPOR DIFFUSION, SITTING DROP, temperature 291.00K' 
_exptl_crystal_grow.pdbx_pH_range   ? 
# 
loop_
_exptl_crystal_grow_comp.crystal_id 
_exptl_crystal_grow_comp.id 
_exptl_crystal_grow_comp.sol_id 
_exptl_crystal_grow_comp.name 
_exptl_crystal_grow_comp.volume 
_exptl_crystal_grow_comp.conc 
_exptl_crystal_grow_comp.details 
1 1 1 WATER           ? ? ? 
1 2 1 MPD             ? ? ? 
1 3 1 'NA CACODYLATE' ? ? ? 
1 4 1 MGCL2           ? ? ? 
1 5 1 SPERMINE_HCL    ? ? ? 
1 6 2 WATER           ? ? ? 
1 7 2 MPD             ? ? ? 
# 
_diffrn.id                     1 
_diffrn.crystal_id             1 
_diffrn.ambient_temp           ? 
_diffrn.ambient_temp_details   ? 
# 
_diffrn_detector.diffrn_id              1 
_diffrn_detector.detector               DIFFRACTOMETER 
_diffrn_detector.type                   'SYNTEX P21' 
_diffrn_detector.pdbx_collection_date   ? 
_diffrn_detector.details                ? 
# 
_diffrn_radiation.diffrn_id                        1 
_diffrn_radiation.wavelength_id                    1 
_diffrn_radiation.pdbx_monochromatic_or_laue_m_l   ? 
_diffrn_radiation.monochromator                    ? 
_diffrn_radiation.pdbx_diffrn_protocol             ? 
_diffrn_radiation.pdbx_scattering_type             x-ray 
# 
_diffrn_radiation_wavelength.id           1 
_diffrn_radiation_wavelength.wavelength   . 
_diffrn_radiation_wavelength.wt           1.0 
# 
_diffrn_source.diffrn_id                   1 
_diffrn_source.source                      ? 
_diffrn_source.type                        ? 
_diffrn_source.pdbx_synchrotron_site       ? 
_diffrn_source.pdbx_synchrotron_beamline   ? 
_diffrn_source.pdbx_wavelength             ? 
_diffrn_source.pdbx_wavelength_list        ? 
# 
_reflns.entry_id                     1D93 
_reflns.observed_criterion_sigma_I   ? 
_reflns.observed_criterion_sigma_F   ? 
_reflns.d_resolution_low             ? 
_reflns.d_resolution_high            2.150 
_reflns.number_obs                   1378 
_reflns.number_all                   2320 
_reflns.percent_possible_obs         ? 
_reflns.pdbx_Rmerge_I_obs            ? 
_reflns.pdbx_Rsym_value              ? 
_reflns.pdbx_netI_over_sigmaI        ? 
_reflns.B_iso_Wilson_estimate        ? 
_reflns.pdbx_redundancy              ? 
_reflns.pdbx_diffrn_id               1 
_reflns.pdbx_ordinal                 1 
# 
_refine.entry_id                                 1D93 
_refine.ls_number_reflns_obs                     931 
_refine.ls_number_reflns_all                     ? 
_refine.pdbx_ls_sigma_I                          1.000 
_refine.pdbx_ls_sigma_F                          ? 
_refine.pdbx_data_cutoff_high_absF               ? 
_refine.pdbx_data_cutoff_low_absF                ? 
_refine.pdbx_data_cutoff_high_rms_absF           ? 
_refine.ls_d_res_low                             8.000 
_refine.ls_d_res_high                            2.150 
_refine.ls_percent_reflns_obs                    ? 
_refine.ls_R_factor_obs                          0.1470000 
_refine.ls_R_factor_all                          ? 
_refine.ls_R_factor_R_work                       ? 
_refine.ls_R_factor_R_free                       ? 
_refine.ls_R_factor_R_free_error                 ? 
_refine.ls_R_factor_R_free_error_details         ? 
_refine.ls_percent_reflns_R_free                 ? 
_refine.ls_number_reflns_R_free                  ? 
_refine.ls_number_parameters                     ? 
_refine.ls_number_restraints                     ? 
_refine.occupancy_min                            ? 
_refine.occupancy_max                            ? 
_refine.B_iso_mean                               ? 
_refine.aniso_B[1][1]                            ? 
_refine.aniso_B[2][2]                            ? 
_refine.aniso_B[3][3]                            ? 
_refine.aniso_B[1][2]                            ? 
_refine.aniso_B[1][3]                            ? 
_refine.aniso_B[2][3]                            ? 
_refine.solvent_model_details                    ? 
_refine.solvent_model_param_ksol                 ? 
_refine.solvent_model_param_bsol                 ? 
_refine.pdbx_ls_cross_valid_method               ? 
_refine.details                                  ? 
_refine.pdbx_starting_model                      ? 
_refine.pdbx_method_to_determine_struct          ? 
_refine.pdbx_isotropic_thermal_model             ? 
_refine.pdbx_stereochemistry_target_values       ? 
_refine.pdbx_stereochem_target_val_spec_case     ? 
_refine.pdbx_R_Free_selection_details            ? 
_refine.pdbx_overall_ESU_R                       ? 
_refine.pdbx_overall_ESU_R_Free                  ? 
_refine.overall_SU_ML                            ? 
_refine.overall_SU_B                             ? 
_refine.pdbx_refine_id                           'X-RAY DIFFRACTION' 
_refine.pdbx_diffrn_id                           1 
_refine.pdbx_TLS_residual_ADP_flag               ? 
_refine.correlation_coeff_Fo_to_Fc               ? 
_refine.correlation_coeff_Fo_to_Fc_free          ? 
_refine.pdbx_solvent_vdw_probe_radii             ? 
_refine.pdbx_solvent_ion_probe_radii             ? 
_refine.pdbx_solvent_shrinkage_radii             ? 
_refine.pdbx_overall_phase_error                 ? 
_refine.overall_SU_R_Cruickshank_DPI             ? 
_refine.pdbx_overall_SU_R_free_Cruickshank_DPI   ? 
_refine.pdbx_overall_SU_R_Blow_DPI               ? 
_refine.pdbx_overall_SU_R_free_Blow_DPI          ? 
# 
_refine_hist.pdbx_refine_id                   'X-RAY DIFFRACTION' 
_refine_hist.cycle_id                         LAST 
_refine_hist.pdbx_number_atoms_protein        0 
_refine_hist.pdbx_number_atoms_nucleic_acid   161 
_refine_hist.pdbx_number_atoms_ligand         0 
_refine_hist.number_atoms_solvent             35 
_refine_hist.number_atoms_total               196 
_refine_hist.d_res_high                       2.150 
_refine_hist.d_res_low                        8.000 
# 
_struct.entry_id                  1D93 
_struct.title                     'STRUCTURAL VARIATION IN D(CTCTAGAG). IMPLICATIONS FOR PROTEIN-DNA INTERACTIONS' 
_struct.pdbx_model_details        ? 
_struct.pdbx_CASP_flag            ? 
_struct.pdbx_model_type_details   ? 
# 
_struct_keywords.entry_id        1D93 
_struct_keywords.pdbx_keywords   DNA 
_struct_keywords.text            'A-DNA, DOUBLE HELIX, DNA' 
# 
loop_
_struct_asym.id 
_struct_asym.pdbx_blank_PDB_chainid_flag 
_struct_asym.pdbx_modified 
_struct_asym.entity_id 
_struct_asym.details 
A N N 1 ? 
B N N 2 ? 
# 
_struct_ref.id                         1 
_struct_ref.entity_id                  1 
_struct_ref.db_name                    PDB 
_struct_ref.db_code                    1D93 
_struct_ref.pdbx_db_accession          1D93 
_struct_ref.pdbx_db_isoform            ? 
_struct_ref.pdbx_seq_one_letter_code   ? 
_struct_ref.pdbx_align_begin           ? 
# 
_struct_ref_seq.align_id                      1 
_struct_ref_seq.ref_id                        1 
_struct_ref_seq.pdbx_PDB_id_code              1D93 
_struct_ref_seq.pdbx_strand_id                A 
_struct_ref_seq.seq_align_beg                 1 
_struct_ref_seq.pdbx_seq_align_beg_ins_code   ? 
_struct_ref_seq.seq_align_end                 8 
_struct_ref_seq.pdbx_seq_align_end_ins_code   ? 
_struct_ref_seq.pdbx_db_accession             1D93 
_struct_ref_seq.db_align_beg                  1 
_struct_ref_seq.pdbx_db_align_beg_ins_code    ? 
_struct_ref_seq.db_align_end                  8 
_struct_ref_seq.pdbx_db_align_end_ins_code    ? 
_struct_ref_seq.pdbx_auth_seq_align_beg       1 
_struct_ref_seq.pdbx_auth_seq_align_end       8 
# 
_pdbx_struct_assembly.id                   1 
_pdbx_struct_assembly.details              author_defined_assembly 
_pdbx_struct_assembly.method_details       ? 
_pdbx_struct_assembly.oligomeric_details   dimeric 
_pdbx_struct_assembly.oligomeric_count     2 
# 
_pdbx_struct_assembly_gen.assembly_id       1 
_pdbx_struct_assembly_gen.oper_expression   1,2 
_pdbx_struct_assembly_gen.asym_id_list      A,B 
# 
loop_
_pdbx_struct_oper_list.id 
_pdbx_struct_oper_list.type 
_pdbx_struct_oper_list.name 
_pdbx_struct_oper_list.symmetry_operation 
_pdbx_struct_oper_list.matrix[1][1] 
_pdbx_struct_oper_list.matrix[1][2] 
_pdbx_struct_oper_list.matrix[1][3] 
_pdbx_struct_oper_list.vector[1] 
_pdbx_struct_oper_list.matrix[2][1] 
_pdbx_struct_oper_list.matrix[2][2] 
_pdbx_struct_oper_list.matrix[2][3] 
_pdbx_struct_oper_list.vector[2] 
_pdbx_struct_oper_list.matrix[3][1] 
_pdbx_struct_oper_list.matrix[3][2] 
_pdbx_struct_oper_list.matrix[3][3] 
_pdbx_struct_oper_list.vector[3] 
1 'identity operation'         1_555 x,y,z  1.0000000000 0.0000000000  0.0000000000 0.0000000000 0.0000000000  1.0000000000  0.0000000000  0.0000000000 0.0000000000 0.0000000000  1.0000000000  0.0000000000  
2 'crystal symmetry operation' 7_555 y,x,-z 0.4142572907 -0.1871824876 0.8907039988 2.7132412650 -0.1871824876 -0.9752256652 -0.1178881603 2.6406279288 0.8907039988 -0.1178881603 -0.4390316255 -3.7531457596 
# 
_struct_biol.id   1 
# 
loop_
_struct_conn.id 
_struct_conn.conn_type_id 
_struct_conn.pdbx_leaving_atom_flag 
_struct_conn.pdbx_PDB_id 
_struct_conn.ptnr1_label_asym_id 
_struct_conn.ptnr1_label_comp_id 
_struct_conn.ptnr1_label_seq_id 
_struct_conn.ptnr1_label_atom_id 
_struct_conn.pdbx_ptnr1_label_alt_id 
_struct_conn.pdbx_ptnr1_PDB_ins_code 
_struct_conn.pdbx_ptnr1_standard_comp_id 
_struct_conn.ptnr1_symmetry 
_struct_conn.ptnr2_label_asym_id 
_struct_conn.ptnr2_label_comp_id 
_struct_conn.ptnr2_label_seq_id 
_struct_conn.ptnr2_label_atom_id 
_struct_conn.pdbx_ptnr2_label_alt_id 
_struct_conn.pdbx_ptnr2_PDB_ins_code 
_struct_conn.ptnr1_auth_asym_id 
_struct_conn.ptnr1_auth_comp_id 
_struct_conn.ptnr1_auth_seq_id 
_struct_conn.ptnr2_auth_asym_id 
_struct_conn.ptnr2_auth_comp_id 
_struct_conn.ptnr2_auth_seq_id 
_struct_conn.ptnr2_symmetry 
_struct_conn.pdbx_ptnr3_label_atom_id 
_struct_conn.pdbx_ptnr3_label_seq_id 
_struct_conn.pdbx_ptnr3_label_comp_id 
_struct_conn.pdbx_ptnr3_label_asym_id 
_struct_conn.pdbx_ptnr3_label_alt_id 
_struct_conn.pdbx_ptnr3_PDB_ins_code 
_struct_conn.details 
_struct_conn.pdbx_dist_value 
_struct_conn.pdbx_value_order 
_struct_conn.pdbx_role 
hydrog1  hydrog ? ? A DC 1 N3 ? ? ? 1_555 A DG 8 N1 ? ? A DC 1 A DG 8 7_555 ? ? ? ? ? ? WATSON-CRICK ? ? ? 
hydrog2  hydrog ? ? A DC 1 N4 ? ? ? 1_555 A DG 8 O6 ? ? A DC 1 A DG 8 7_555 ? ? ? ? ? ? WATSON-CRICK ? ? ? 
hydrog3  hydrog ? ? A DC 1 O2 ? ? ? 1_555 A DG 8 N2 ? ? A DC 1 A DG 8 7_555 ? ? ? ? ? ? WATSON-CRICK ? ? ? 
hydrog4  hydrog ? ? A DT 2 N3 ? ? ? 1_555 A DA 7 N1 ? ? A DT 2 A DA 7 7_555 ? ? ? ? ? ? WATSON-CRICK ? ? ? 
hydrog5  hydrog ? ? A DT 2 O4 ? ? ? 1_555 A DA 7 N6 ? ? A DT 2 A DA 7 7_555 ? ? ? ? ? ? WATSON-CRICK ? ? ? 
hydrog6  hydrog ? ? A DC 3 N3 ? ? ? 1_555 A DG 6 N1 ? ? A DC 3 A DG 6 7_555 ? ? ? ? ? ? WATSON-CRICK ? ? ? 
hydrog7  hydrog ? ? A DC 3 N4 ? ? ? 1_555 A DG 6 O6 ? ? A DC 3 A DG 6 7_555 ? ? ? ? ? ? WATSON-CRICK ? ? ? 
hydrog8  hydrog ? ? A DC 3 O2 ? ? ? 1_555 A DG 6 N2 ? ? A DC 3 A DG 6 7_555 ? ? ? ? ? ? WATSON-CRICK ? ? ? 
hydrog9  hydrog ? ? A DT 4 N3 ? ? ? 1_555 A DA 5 N1 ? ? A DT 4 A DA 5 7_555 ? ? ? ? ? ? WATSON-CRICK ? ? ? 
hydrog10 hydrog ? ? A DT 4 O4 ? ? ? 1_555 A DA 5 N6 ? ? A DT 4 A DA 5 7_555 ? ? ? ? ? ? WATSON-CRICK ? ? ? 
hydrog11 hydrog ? ? A DA 5 N1 ? ? ? 1_555 A DT 4 N3 ? ? A DA 5 A DT 4 7_555 ? ? ? ? ? ? WATSON-CRICK ? ? ? 
hydrog12 hydrog ? ? A DA 5 N6 ? ? ? 1_555 A DT 4 O4 ? ? A DA 5 A DT 4 7_555 ? ? ? ? ? ? WATSON-CRICK ? ? ? 
hydrog13 hydrog ? ? A DG 6 N1 ? ? ? 1_555 A DC 3 N3 ? ? A DG 6 A DC 3 7_555 ? ? ? ? ? ? WATSON-CRICK ? ? ? 
hydrog14 hydrog ? ? A DG 6 N2 ? ? ? 1_555 A DC 3 O2 ? ? A DG 6 A DC 3 7_555 ? ? ? ? ? ? WATSON-CRICK ? ? ? 
hydrog15 hydrog ? ? A DG 6 O6 ? ? ? 1_555 A DC 3 N4 ? ? A DG 6 A DC 3 7_555 ? ? ? ? ? ? WATSON-CRICK ? ? ? 
hydrog16 hydrog ? ? A DA 7 N1 ? ? ? 1_555 A DT 2 N3 ? ? A DA 7 A DT 2 7_555 ? ? ? ? ? ? WATSON-CRICK ? ? ? 
hydrog17 hydrog ? ? A DA 7 N6 ? ? ? 1_555 A DT 2 O4 ? ? A DA 7 A DT 2 7_555 ? ? ? ? ? ? WATSON-CRICK ? ? ? 
hydrog18 hydrog ? ? A DG 8 N1 ? ? ? 1_555 A DC 1 N3 ? ? A DG 8 A DC 1 7_555 ? ? ? ? ? ? WATSON-CRICK ? ? ? 
hydrog19 hydrog ? ? A DG 8 N2 ? ? ? 1_555 A DC 1 O2 ? ? A DG 8 A DC 1 7_555 ? ? ? ? ? ? WATSON-CRICK ? ? ? 
hydrog20 hydrog ? ? A DG 8 O6 ? ? ? 1_555 A DC 1 N4 ? ? A DG 8 A DC 1 7_555 ? ? ? ? ? ? WATSON-CRICK ? ? ? 
# 
_struct_conn_type.id          hydrog 
_struct_conn_type.criteria    ? 
_struct_conn_type.reference   ? 
# 
loop_
_pdbx_validate_rmsd_bond.id 
_pdbx_validate_rmsd_bond.PDB_model_num 
_pdbx_validate_rmsd_bond.auth_atom_id_1 
_pdbx_validate_rmsd_bond.auth_asym_id_1 
_pdbx_validate_rmsd_bond.auth_comp_id_1 
_pdbx_validate_rmsd_bond.auth_seq_id_1 
_pdbx_validate_rmsd_bond.PDB_ins_code_1 
_pdbx_validate_rmsd_bond.label_alt_id_1 
_pdbx_validate_rmsd_bond.auth_atom_id_2 
_pdbx_validate_rmsd_bond.auth_asym_id_2 
_pdbx_validate_rmsd_bond.auth_comp_id_2 
_pdbx_validate_rmsd_bond.auth_seq_id_2 
_pdbx_validate_rmsd_bond.PDB_ins_code_2 
_pdbx_validate_rmsd_bond.label_alt_id_2 
_pdbx_validate_rmsd_bond.bond_value 
_pdbx_validate_rmsd_bond.bond_target_value 
_pdbx_validate_rmsd_bond.bond_deviation 
_pdbx_validate_rmsd_bond.bond_standard_deviation 
_pdbx_validate_rmsd_bond.linker_flag 
1  1 "O3'" A DC 1 ? ? "C3'" A DC 1 ? ? 1.363 1.419 -0.056 0.006 N 
2  1 P     A DT 2 ? ? "O5'" A DT 2 ? ? 1.709 1.593 0.116  0.010 N 
3  1 "O5'" A DT 2 ? ? "C5'" A DT 2 ? ? 1.592 1.440 0.152  0.016 N 
4  1 "C5'" A DT 2 ? ? "C4'" A DT 2 ? ? 1.573 1.512 0.061  0.007 N 
5  1 "C3'" A DT 2 ? ? "C2'" A DT 2 ? ? 1.595 1.518 0.077  0.012 N 
6  1 "C2'" A DT 2 ? ? "C1'" A DT 2 ? ? 1.450 1.518 -0.068 0.010 N 
7  1 "O3'" A DT 2 ? ? "C3'" A DT 2 ? ? 1.373 1.419 -0.046 0.006 N 
8  1 N3    A DT 2 ? ? C4    A DT 2 ? ? 1.332 1.382 -0.050 0.008 N 
9  1 C4    A DT 2 ? ? O4    A DT 2 ? ? 1.287 1.228 0.059  0.009 N 
10 1 "O3'" A DT 2 ? ? P     A DC 3 ? ? 1.690 1.607 0.083  0.012 Y 
11 1 P     A DC 3 ? ? OP1   A DC 3 ? ? 1.607 1.485 0.122  0.017 N 
12 1 P     A DC 3 ? ? OP2   A DC 3 ? ? 1.365 1.485 -0.120 0.017 N 
13 1 C2    A DC 3 ? ? O2    A DC 3 ? ? 1.173 1.240 -0.067 0.009 N 
14 1 "O4'" A DT 4 ? ? "C4'" A DT 4 ? ? 1.342 1.446 -0.104 0.010 N 
15 1 C4    A DT 4 ? ? O4    A DT 4 ? ? 1.289 1.228 0.061  0.009 N 
16 1 "O3'" A DT 4 ? ? P     A DA 5 ? ? 1.489 1.607 -0.118 0.012 Y 
17 1 P     A DA 5 ? ? OP2   A DA 5 ? ? 1.617 1.485 0.132  0.017 N 
18 1 P     A DA 5 ? ? "O5'" A DA 5 ? ? 1.720 1.593 0.127  0.010 N 
19 1 "O4'" A DA 5 ? ? "C1'" A DA 5 ? ? 1.505 1.420 0.085  0.011 N 
20 1 C5    A DA 5 ? ? N7    A DA 5 ? ? 1.439 1.388 0.051  0.006 N 
21 1 C8    A DA 5 ? ? N9    A DA 5 ? ? 1.464 1.373 0.091  0.008 N 
22 1 "O4'" A DG 6 ? ? "C4'" A DG 6 ? ? 1.372 1.446 -0.074 0.010 N 
23 1 N1    A DG 6 ? ? C2    A DG 6 ? ? 1.322 1.373 -0.051 0.008 N 
24 1 C2    A DG 6 ? ? N3    A DG 6 ? ? 1.252 1.323 -0.071 0.008 N 
25 1 C8    A DG 6 ? ? N9    A DG 6 ? ? 1.328 1.374 -0.046 0.007 N 
26 1 "O3'" A DG 6 ? ? P     A DA 7 ? ? 1.521 1.607 -0.086 0.012 Y 
27 1 P     A DA 7 ? ? "O5'" A DA 7 ? ? 1.658 1.593 0.065  0.010 N 
28 1 "O4'" A DA 7 ? ? "C4'" A DA 7 ? ? 1.380 1.446 -0.066 0.010 N 
# 
loop_
_pdbx_validate_rmsd_angle.id 
_pdbx_validate_rmsd_angle.PDB_model_num 
_pdbx_validate_rmsd_angle.auth_atom_id_1 
_pdbx_validate_rmsd_angle.auth_asym_id_1 
_pdbx_validate_rmsd_angle.auth_comp_id_1 
_pdbx_validate_rmsd_angle.auth_seq_id_1 
_pdbx_validate_rmsd_angle.PDB_ins_code_1 
_pdbx_validate_rmsd_angle.label_alt_id_1 
_pdbx_validate_rmsd_angle.auth_atom_id_2 
_pdbx_validate_rmsd_angle.auth_asym_id_2 
_pdbx_validate_rmsd_angle.auth_comp_id_2 
_pdbx_validate_rmsd_angle.auth_seq_id_2 
_pdbx_validate_rmsd_angle.PDB_ins_code_2 
_pdbx_validate_rmsd_angle.label_alt_id_2 
_pdbx_validate_rmsd_angle.auth_atom_id_3 
_pdbx_validate_rmsd_angle.auth_asym_id_3 
_pdbx_validate_rmsd_angle.auth_comp_id_3 
_pdbx_validate_rmsd_angle.auth_seq_id_3 
_pdbx_validate_rmsd_angle.PDB_ins_code_3 
_pdbx_validate_rmsd_angle.label_alt_id_3 
_pdbx_validate_rmsd_angle.angle_value 
_pdbx_validate_rmsd_angle.angle_target_value 
_pdbx_validate_rmsd_angle.angle_deviation 
_pdbx_validate_rmsd_angle.angle_standard_deviation 
_pdbx_validate_rmsd_angle.linker_flag 
1  1 "O5'" A DC 1 ? ? "C5'" A DC 1 ? ? "C4'" A DC 1 ? ? 100.34 109.40 -9.06  0.80 N 
2  1 "O4'" A DC 1 ? ? "C4'" A DC 1 ? ? "C3'" A DC 1 ? ? 100.53 104.50 -3.97  0.40 N 
3  1 "C5'" A DC 1 ? ? "C4'" A DC 1 ? ? "C3'" A DC 1 ? ? 126.35 115.70 10.65  1.20 N 
4  1 "C1'" A DC 1 ? ? "O4'" A DC 1 ? ? "C4'" A DC 1 ? ? 100.97 110.10 -9.13  1.00 N 
5  1 "C4'" A DC 1 ? ? "C3'" A DC 1 ? ? "C2'" A DC 1 ? ? 93.89  102.20 -8.31  0.70 N 
6  1 N3    A DC 1 ? ? C4    A DC 1 ? ? C5    A DC 1 ? ? 118.71 121.90 -3.19  0.40 N 
7  1 C4    A DC 1 ? ? C5    A DC 1 ? ? C6    A DC 1 ? ? 121.65 117.40 4.25   0.50 N 
8  1 C5    A DC 1 ? ? C4    A DC 1 ? ? N4    A DC 1 ? ? 125.90 120.20 5.70   0.70 N 
9  1 "C3'" A DC 1 ? ? "O3'" A DC 1 ? ? P     A DT 2 ? ? 138.79 119.70 19.09  1.20 Y 
10 1 "O5'" A DT 2 ? ? P     A DT 2 ? ? OP2   A DT 2 ? ? 98.02  105.70 -7.68  0.90 N 
11 1 "O5'" A DT 2 ? ? "C5'" A DT 2 ? ? "C4'" A DT 2 ? ? 100.45 109.40 -8.95  0.80 N 
12 1 P     A DT 2 ? ? "O5'" A DT 2 ? ? "C5'" A DT 2 ? ? 110.78 120.90 -10.12 1.60 N 
13 1 "O4'" A DT 2 ? ? "C4'" A DT 2 ? ? "C3'" A DT 2 ? ? 95.79  104.50 -8.71  0.40 N 
14 1 "O4'" A DT 2 ? ? "C1'" A DT 2 ? ? N1    A DT 2 ? ? 110.25 108.30 1.95   0.30 N 
15 1 N1    A DT 2 ? ? C2    A DT 2 ? ? O2    A DT 2 ? ? 117.76 123.10 -5.34  0.80 N 
16 1 "O3'" A DT 2 ? ? P     A DC 3 ? ? OP1   A DC 3 ? ? 90.97  105.20 -14.23 2.20 Y 
17 1 "O5'" A DC 3 ? ? P     A DC 3 ? ? OP1   A DC 3 ? ? 100.04 105.70 -5.66  0.90 N 
18 1 "O5'" A DC 3 ? ? P     A DC 3 ? ? OP2   A DC 3 ? ? 125.79 110.70 15.09  1.20 N 
19 1 "C3'" A DC 3 ? ? "C2'" A DC 3 ? ? "C1'" A DC 3 ? ? 97.05  102.40 -5.35  0.80 N 
20 1 "O4'" A DC 3 ? ? "C1'" A DC 3 ? ? N1    A DC 3 ? ? 112.24 108.30 3.94   0.30 N 
21 1 "O3'" A DC 3 ? ? P     A DT 4 ? ? "O5'" A DT 4 ? ? 123.94 104.00 19.94  1.90 Y 
22 1 "O5'" A DT 4 ? ? P     A DT 4 ? ? OP1   A DT 4 ? ? 96.28  105.70 -9.42  0.90 N 
23 1 "O5'" A DT 4 ? ? P     A DT 4 ? ? OP2   A DT 4 ? ? 119.47 110.70 8.77   1.20 N 
24 1 "C5'" A DT 4 ? ? "C4'" A DT 4 ? ? "O4'" A DT 4 ? ? 117.33 109.80 7.53   1.10 N 
25 1 "O4'" A DT 4 ? ? "C1'" A DT 4 ? ? N1    A DT 4 ? ? 93.12  108.00 -14.88 0.70 N 
26 1 N3    A DT 4 ? ? C4    A DT 4 ? ? C5    A DT 4 ? ? 118.89 115.20 3.69   0.60 N 
27 1 "O3'" A DT 4 ? ? P     A DA 5 ? ? OP1   A DA 5 ? ? 118.99 110.50 8.49   1.10 Y 
28 1 P     A DA 5 ? ? "O5'" A DA 5 ? ? "C5'" A DA 5 ? ? 107.02 120.90 -13.88 1.60 N 
29 1 "O4'" A DA 5 ? ? "C4'" A DA 5 ? ? "C3'" A DA 5 ? ? 99.64  104.50 -4.86  0.40 N 
30 1 "C5'" A DA 5 ? ? "C4'" A DA 5 ? ? "C3'" A DA 5 ? ? 125.75 115.70 10.05  1.20 N 
31 1 "O4'" A DA 5 ? ? "C1'" A DA 5 ? ? N9    A DA 5 ? ? 96.22  108.00 -11.78 0.70 N 
32 1 N1    A DA 5 ? ? C2    A DA 5 ? ? N3    A DA 5 ? ? 125.12 129.30 -4.18  0.50 N 
33 1 N7    A DA 5 ? ? C8    A DA 5 ? ? N9    A DA 5 ? ? 110.38 113.80 -3.42  0.50 N 
34 1 "O4'" A DG 6 ? ? "C4'" A DG 6 ? ? "C3'" A DG 6 ? ? 101.27 104.50 -3.23  0.40 N 
35 1 "C3'" A DG 6 ? ? "C2'" A DG 6 ? ? "C1'" A DG 6 ? ? 94.22  102.40 -8.18  0.80 N 
36 1 "O4'" A DG 6 ? ? "C1'" A DG 6 ? ? N9    A DG 6 ? ? 103.12 108.00 -4.88  0.70 N 
37 1 OP1   A DA 7 ? ? P     A DA 7 ? ? OP2   A DA 7 ? ? 103.95 119.60 -15.65 1.50 N 
38 1 "O5'" A DA 7 ? ? P     A DA 7 ? ? OP1   A DA 7 ? ? 119.10 110.70 8.40   1.20 N 
39 1 "O4'" A DA 7 ? ? "C1'" A DA 7 ? ? N9    A DA 7 ? ? 100.51 108.00 -7.49  0.70 N 
40 1 C6    A DA 7 ? ? N1    A DA 7 ? ? C2    A DA 7 ? ? 122.84 118.60 4.24   0.60 N 
41 1 N1    A DA 7 ? ? C2    A DA 7 ? ? N3    A DA 7 ? ? 122.68 129.30 -6.62  0.50 N 
42 1 C2    A DA 7 ? ? N3    A DA 7 ? ? C4    A DA 7 ? ? 115.98 110.60 5.38   0.50 N 
43 1 N1    A DA 7 ? ? C6    A DA 7 ? ? N6    A DA 7 ? ? 123.54 118.60 4.94   0.60 N 
44 1 "C3'" A DA 7 ? ? "O3'" A DA 7 ? ? P     A DG 8 ? ? 112.23 119.70 -7.47  1.20 Y 
45 1 OP1   A DG 8 ? ? P     A DG 8 ? ? OP2   A DG 8 ? ? 110.51 119.60 -9.09  1.50 N 
46 1 "O5'" A DG 8 ? ? P     A DG 8 ? ? OP2   A DG 8 ? ? 126.44 110.70 15.74  1.20 N 
47 1 P     A DG 8 ? ? "O5'" A DG 8 ? ? "C5'" A DG 8 ? ? 108.20 120.90 -12.70 1.60 N 
48 1 "C5'" A DG 8 ? ? "C4'" A DG 8 ? ? "O4'" A DG 8 ? ? 119.89 109.80 10.09  1.10 N 
49 1 C6    A DG 8 ? ? N1    A DG 8 ? ? C2    A DG 8 ? ? 120.50 125.10 -4.60  0.60 N 
50 1 C2    A DG 8 ? ? N3    A DG 8 ? ? C4    A DG 8 ? ? 117.54 111.90 5.64   0.50 N 
51 1 N3    A DG 8 ? ? C4    A DG 8 ? ? C5    A DG 8 ? ? 124.71 128.60 -3.89  0.50 N 
52 1 C5    A DG 8 ? ? C6    A DG 8 ? ? N1    A DG 8 ? ? 115.52 111.50 4.02   0.50 N 
53 1 N1    A DG 8 ? ? C6    A DG 8 ? ? O6    A DG 8 ? ? 116.05 119.90 -3.85  0.60 N 
# 
loop_
_refine_B_iso.class 
_refine_B_iso.details 
_refine_B_iso.treatment 
_refine_B_iso.pdbx_refine_id 
'ALL ATOMS'  TR isotropic 'X-RAY DIFFRACTION' 
'ALL WATERS' TR isotropic 'X-RAY DIFFRACTION' 
# 
loop_
_refine_occupancy.class 
_refine_occupancy.treatment 
_refine_occupancy.pdbx_refine_id 
'ALL ATOMS'  fix 'X-RAY DIFFRACTION' 
'ALL WATERS' fix 'X-RAY DIFFRACTION' 
# 
loop_
_chem_comp_atom.comp_id 
_chem_comp_atom.atom_id 
_chem_comp_atom.type_symbol 
_chem_comp_atom.pdbx_aromatic_flag 
_chem_comp_atom.pdbx_stereo_config 
_chem_comp_atom.pdbx_ordinal 
DA  OP3    O N N 1   
DA  P      P N N 2   
DA  OP1    O N N 3   
DA  OP2    O N N 4   
DA  "O5'"  O N N 5   
DA  "C5'"  C N N 6   
DA  "C4'"  C N R 7   
DA  "O4'"  O N N 8   
DA  "C3'"  C N S 9   
DA  "O3'"  O N N 10  
DA  "C2'"  C N N 11  
DA  "C1'"  C N R 12  
DA  N9     N Y N 13  
DA  C8     C Y N 14  
DA  N7     N Y N 15  
DA  C5     C Y N 16  
DA  C6     C Y N 17  
DA  N6     N N N 18  
DA  N1     N Y N 19  
DA  C2     C Y N 20  
DA  N3     N Y N 21  
DA  C4     C Y N 22  
DA  HOP3   H N N 23  
DA  HOP2   H N N 24  
DA  "H5'"  H N N 25  
DA  "H5''" H N N 26  
DA  "H4'"  H N N 27  
DA  "H3'"  H N N 28  
DA  "HO3'" H N N 29  
DA  "H2'"  H N N 30  
DA  "H2''" H N N 31  
DA  "H1'"  H N N 32  
DA  H8     H N N 33  
DA  H61    H N N 34  
DA  H62    H N N 35  
DA  H2     H N N 36  
DC  OP3    O N N 37  
DC  P      P N N 38  
DC  OP1    O N N 39  
DC  OP2    O N N 40  
DC  "O5'"  O N N 41  
DC  "C5'"  C N N 42  
DC  "C4'"  C N R 43  
DC  "O4'"  O N N 44  
DC  "C3'"  C N S 45  
DC  "O3'"  O N N 46  
DC  "C2'"  C N N 47  
DC  "C1'"  C N R 48  
DC  N1     N N N 49  
DC  C2     C N N 50  
DC  O2     O N N 51  
DC  N3     N N N 52  
DC  C4     C N N 53  
DC  N4     N N N 54  
DC  C5     C N N 55  
DC  C6     C N N 56  
DC  HOP3   H N N 57  
DC  HOP2   H N N 58  
DC  "H5'"  H N N 59  
DC  "H5''" H N N 60  
DC  "H4'"  H N N 61  
DC  "H3'"  H N N 62  
DC  "HO3'" H N N 63  
DC  "H2'"  H N N 64  
DC  "H2''" H N N 65  
DC  "H1'"  H N N 66  
DC  H41    H N N 67  
DC  H42    H N N 68  
DC  H5     H N N 69  
DC  H6     H N N 70  
DG  OP3    O N N 71  
DG  P      P N N 72  
DG  OP1    O N N 73  
DG  OP2    O N N 74  
DG  "O5'"  O N N 75  
DG  "C5'"  C N N 76  
DG  "C4'"  C N R 77  
DG  "O4'"  O N N 78  
DG  "C3'"  C N S 79  
DG  "O3'"  O N N 80  
DG  "C2'"  C N N 81  
DG  "C1'"  C N R 82  
DG  N9     N Y N 83  
DG  C8     C Y N 84  
DG  N7     N Y N 85  
DG  C5     C Y N 86  
DG  C6     C N N 87  
DG  O6     O N N 88  
DG  N1     N N N 89  
DG  C2     C N N 90  
DG  N2     N N N 91  
DG  N3     N N N 92  
DG  C4     C Y N 93  
DG  HOP3   H N N 94  
DG  HOP2   H N N 95  
DG  "H5'"  H N N 96  
DG  "H5''" H N N 97  
DG  "H4'"  H N N 98  
DG  "H3'"  H N N 99  
DG  "HO3'" H N N 100 
DG  "H2'"  H N N 101 
DG  "H2''" H N N 102 
DG  "H1'"  H N N 103 
DG  H8     H N N 104 
DG  H1     H N N 105 
DG  H21    H N N 106 
DG  H22    H N N 107 
DT  OP3    O N N 108 
DT  P      P N N 109 
DT  OP1    O N N 110 
DT  OP2    O N N 111 
DT  "O5'"  O N N 112 
DT  "C5'"  C N N 113 
DT  "C4'"  C N R 114 
DT  "O4'"  O N N 115 
DT  "C3'"  C N S 116 
DT  "O3'"  O N N 117 
DT  "C2'"  C N N 118 
DT  "C1'"  C N R 119 
DT  N1     N N N 120 
DT  C2     C N N 121 
DT  O2     O N N 122 
DT  N3     N N N 123 
DT  C4     C N N 124 
DT  O4     O N N 125 
DT  C5     C N N 126 
DT  C7     C N N 127 
DT  C6     C N N 128 
DT  HOP3   H N N 129 
DT  HOP2   H N N 130 
DT  "H5'"  H N N 131 
DT  "H5''" H N N 132 
DT  "H4'"  H N N 133 
DT  "H3'"  H N N 134 
DT  "HO3'" H N N 135 
DT  "H2'"  H N N 136 
DT  "H2''" H N N 137 
DT  "H1'"  H N N 138 
DT  H3     H N N 139 
DT  H71    H N N 140 
DT  H72    H N N 141 
DT  H73    H N N 142 
DT  H6     H N N 143 
HOH O      O N N 144 
HOH H1     H N N 145 
HOH H2     H N N 146 
# 
loop_
_chem_comp_bond.comp_id 
_chem_comp_bond.atom_id_1 
_chem_comp_bond.atom_id_2 
_chem_comp_bond.value_order 
_chem_comp_bond.pdbx_aromatic_flag 
_chem_comp_bond.pdbx_stereo_config 
_chem_comp_bond.pdbx_ordinal 
DA  OP3   P      sing N N 1   
DA  OP3   HOP3   sing N N 2   
DA  P     OP1    doub N N 3   
DA  P     OP2    sing N N 4   
DA  P     "O5'"  sing N N 5   
DA  OP2   HOP2   sing N N 6   
DA  "O5'" "C5'"  sing N N 7   
DA  "C5'" "C4'"  sing N N 8   
DA  "C5'" "H5'"  sing N N 9   
DA  "C5'" "H5''" sing N N 10  
DA  "C4'" "O4'"  sing N N 11  
DA  "C4'" "C3'"  sing N N 12  
DA  "C4'" "H4'"  sing N N 13  
DA  "O4'" "C1'"  sing N N 14  
DA  "C3'" "O3'"  sing N N 15  
DA  "C3'" "C2'"  sing N N 16  
DA  "C3'" "H3'"  sing N N 17  
DA  "O3'" "HO3'" sing N N 18  
DA  "C2'" "C1'"  sing N N 19  
DA  "C2'" "H2'"  sing N N 20  
DA  "C2'" "H2''" sing N N 21  
DA  "C1'" N9     sing N N 22  
DA  "C1'" "H1'"  sing N N 23  
DA  N9    C8     sing Y N 24  
DA  N9    C4     sing Y N 25  
DA  C8    N7     doub Y N 26  
DA  C8    H8     sing N N 27  
DA  N7    C5     sing Y N 28  
DA  C5    C6     sing Y N 29  
DA  C5    C4     doub Y N 30  
DA  C6    N6     sing N N 31  
DA  C6    N1     doub Y N 32  
DA  N6    H61    sing N N 33  
DA  N6    H62    sing N N 34  
DA  N1    C2     sing Y N 35  
DA  C2    N3     doub Y N 36  
DA  C2    H2     sing N N 37  
DA  N3    C4     sing Y N 38  
DC  OP3   P      sing N N 39  
DC  OP3   HOP3   sing N N 40  
DC  P     OP1    doub N N 41  
DC  P     OP2    sing N N 42  
DC  P     "O5'"  sing N N 43  
DC  OP2   HOP2   sing N N 44  
DC  "O5'" "C5'"  sing N N 45  
DC  "C5'" "C4'"  sing N N 46  
DC  "C5'" "H5'"  sing N N 47  
DC  "C5'" "H5''" sing N N 48  
DC  "C4'" "O4'"  sing N N 49  
DC  "C4'" "C3'"  sing N N 50  
DC  "C4'" "H4'"  sing N N 51  
DC  "O4'" "C1'"  sing N N 52  
DC  "C3'" "O3'"  sing N N 53  
DC  "C3'" "C2'"  sing N N 54  
DC  "C3'" "H3'"  sing N N 55  
DC  "O3'" "HO3'" sing N N 56  
DC  "C2'" "C1'"  sing N N 57  
DC  "C2'" "H2'"  sing N N 58  
DC  "C2'" "H2''" sing N N 59  
DC  "C1'" N1     sing N N 60  
DC  "C1'" "H1'"  sing N N 61  
DC  N1    C2     sing N N 62  
DC  N1    C6     sing N N 63  
DC  C2    O2     doub N N 64  
DC  C2    N3     sing N N 65  
DC  N3    C4     doub N N 66  
DC  C4    N4     sing N N 67  
DC  C4    C5     sing N N 68  
DC  N4    H41    sing N N 69  
DC  N4    H42    sing N N 70  
DC  C5    C6     doub N N 71  
DC  C5    H5     sing N N 72  
DC  C6    H6     sing N N 73  
DG  OP3   P      sing N N 74  
DG  OP3   HOP3   sing N N 75  
DG  P     OP1    doub N N 76  
DG  P     OP2    sing N N 77  
DG  P     "O5'"  sing N N 78  
DG  OP2   HOP2   sing N N 79  
DG  "O5'" "C5'"  sing N N 80  
DG  "C5'" "C4'"  sing N N 81  
DG  "C5'" "H5'"  sing N N 82  
DG  "C5'" "H5''" sing N N 83  
DG  "C4'" "O4'"  sing N N 84  
DG  "C4'" "C3'"  sing N N 85  
DG  "C4'" "H4'"  sing N N 86  
DG  "O4'" "C1'"  sing N N 87  
DG  "C3'" "O3'"  sing N N 88  
DG  "C3'" "C2'"  sing N N 89  
DG  "C3'" "H3'"  sing N N 90  
DG  "O3'" "HO3'" sing N N 91  
DG  "C2'" "C1'"  sing N N 92  
DG  "C2'" "H2'"  sing N N 93  
DG  "C2'" "H2''" sing N N 94  
DG  "C1'" N9     sing N N 95  
DG  "C1'" "H1'"  sing N N 96  
DG  N9    C8     sing Y N 97  
DG  N9    C4     sing Y N 98  
DG  C8    N7     doub Y N 99  
DG  C8    H8     sing N N 100 
DG  N7    C5     sing Y N 101 
DG  C5    C6     sing N N 102 
DG  C5    C4     doub Y N 103 
DG  C6    O6     doub N N 104 
DG  C6    N1     sing N N 105 
DG  N1    C2     sing N N 106 
DG  N1    H1     sing N N 107 
DG  C2    N2     sing N N 108 
DG  C2    N3     doub N N 109 
DG  N2    H21    sing N N 110 
DG  N2    H22    sing N N 111 
DG  N3    C4     sing N N 112 
DT  OP3   P      sing N N 113 
DT  OP3   HOP3   sing N N 114 
DT  P     OP1    doub N N 115 
DT  P     OP2    sing N N 116 
DT  P     "O5'"  sing N N 117 
DT  OP2   HOP2   sing N N 118 
DT  "O5'" "C5'"  sing N N 119 
DT  "C5'" "C4'"  sing N N 120 
DT  "C5'" "H5'"  sing N N 121 
DT  "C5'" "H5''" sing N N 122 
DT  "C4'" "O4'"  sing N N 123 
DT  "C4'" "C3'"  sing N N 124 
DT  "C4'" "H4'"  sing N N 125 
DT  "O4'" "C1'"  sing N N 126 
DT  "C3'" "O3'"  sing N N 127 
DT  "C3'" "C2'"  sing N N 128 
DT  "C3'" "H3'"  sing N N 129 
DT  "O3'" "HO3'" sing N N 130 
DT  "C2'" "C1'"  sing N N 131 
DT  "C2'" "H2'"  sing N N 132 
DT  "C2'" "H2''" sing N N 133 
DT  "C1'" N1     sing N N 134 
DT  "C1'" "H1'"  sing N N 135 
DT  N1    C2     sing N N 136 
DT  N1    C6     sing N N 137 
DT  C2    O2     doub N N 138 
DT  C2    N3     sing N N 139 
DT  N3    C4     sing N N 140 
DT  N3    H3     sing N N 141 
DT  C4    O4     doub N N 142 
DT  C4    C5     sing N N 143 
DT  C5    C7     sing N N 144 
DT  C5    C6     doub N N 145 
DT  C7    H71    sing N N 146 
DT  C7    H72    sing N N 147 
DT  C7    H73    sing N N 148 
DT  C6    H6     sing N N 149 
HOH O     H1     sing N N 150 
HOH O     H2     sing N N 151 
# 
_ndb_struct_conf_na.entry_id   1D93 
_ndb_struct_conf_na.feature    'a-form double helix' 
# 
loop_
_ndb_struct_na_base_pair.model_number 
_ndb_struct_na_base_pair.i_label_asym_id 
_ndb_struct_na_base_pair.i_label_comp_id 
_ndb_struct_na_base_pair.i_label_seq_id 
_ndb_struct_na_base_pair.i_symmetry 
_ndb_struct_na_base_pair.j_label_asym_id 
_ndb_struct_na_base_pair.j_label_comp_id 
_ndb_struct_na_base_pair.j_label_seq_id 
_ndb_struct_na_base_pair.j_symmetry 
_ndb_struct_na_base_pair.shear 
_ndb_struct_na_base_pair.stretch 
_ndb_struct_na_base_pair.stagger 
_ndb_struct_na_base_pair.buckle 
_ndb_struct_na_base_pair.propeller 
_ndb_struct_na_base_pair.opening 
_ndb_struct_na_base_pair.pair_number 
_ndb_struct_na_base_pair.pair_name 
_ndb_struct_na_base_pair.i_auth_asym_id 
_ndb_struct_na_base_pair.i_auth_seq_id 
_ndb_struct_na_base_pair.i_PDB_ins_code 
_ndb_struct_na_base_pair.j_auth_asym_id 
_ndb_struct_na_base_pair.j_auth_seq_id 
_ndb_struct_na_base_pair.j_PDB_ins_code 
_ndb_struct_na_base_pair.hbond_type_28 
_ndb_struct_na_base_pair.hbond_type_12 
1 A DC 1 1_555 A DG 8 7_555 -0.150 -0.096 0.092  4.869  -7.998  4.779 1 A_DC1:DG8_A A 1 ? A 8 ? 19 1 
1 A DT 2 1_555 A DA 7 7_555 -0.327 0.134  -0.234 7.336  -10.922 8.634 2 A_DT2:DA7_A A 2 ? A 7 ? 20 1 
1 A DC 3 1_555 A DG 6 7_555 0.391  -0.139 -0.049 6.912  -4.480  6.576 3 A_DC3:DG6_A A 3 ? A 6 ? 19 1 
1 A DT 4 1_555 A DA 5 7_555 0.499  -0.172 0.173  -0.725 -11.926 2.541 4 A_DT4:DA5_A A 4 ? A 5 ? 20 1 
1 A DA 5 1_555 A DT 4 7_555 -0.499 -0.172 0.173  0.725  -11.926 2.541 5 A_DA5:DT4_A A 5 ? A 4 ? 20 1 
1 A DG 6 1_555 A DC 3 7_555 -0.391 -0.139 -0.049 -6.912 -4.480  6.576 6 A_DG6:DC3_A A 6 ? A 3 ? 19 1 
1 A DA 7 1_555 A DT 2 7_555 0.327  0.134  -0.234 -7.336 -10.922 8.634 7 A_DA7:DT2_A A 7 ? A 2 ? 20 1 
1 A DG 8 1_555 A DC 1 7_555 0.150  -0.096 0.092  -4.869 -7.998  4.779 8 A_DG8:DC1_A A 8 ? A 1 ? 19 1 
# 
loop_
_ndb_struct_na_base_pair_step.model_number 
_ndb_struct_na_base_pair_step.i_label_asym_id_1 
_ndb_struct_na_base_pair_step.i_label_comp_id_1 
_ndb_struct_na_base_pair_step.i_label_seq_id_1 
_ndb_struct_na_base_pair_step.i_symmetry_1 
_ndb_struct_na_base_pair_step.j_label_asym_id_1 
_ndb_struct_na_base_pair_step.j_label_comp_id_1 
_ndb_struct_na_base_pair_step.j_label_seq_id_1 
_ndb_struct_na_base_pair_step.j_symmetry_1 
_ndb_struct_na_base_pair_step.i_label_asym_id_2 
_ndb_struct_na_base_pair_step.i_label_comp_id_2 
_ndb_struct_na_base_pair_step.i_label_seq_id_2 
_ndb_struct_na_base_pair_step.i_symmetry_2 
_ndb_struct_na_base_pair_step.j_label_asym_id_2 
_ndb_struct_na_base_pair_step.j_label_comp_id_2 
_ndb_struct_na_base_pair_step.j_label_seq_id_2 
_ndb_struct_na_base_pair_step.j_symmetry_2 
_ndb_struct_na_base_pair_step.shift 
_ndb_struct_na_base_pair_step.slide 
_ndb_struct_na_base_pair_step.rise 
_ndb_struct_na_base_pair_step.tilt 
_ndb_struct_na_base_pair_step.roll 
_ndb_struct_na_base_pair_step.twist 
_ndb_struct_na_base_pair_step.x_displacement 
_ndb_struct_na_base_pair_step.y_displacement 
_ndb_struct_na_base_pair_step.helical_rise 
_ndb_struct_na_base_pair_step.inclination 
_ndb_struct_na_base_pair_step.tip 
_ndb_struct_na_base_pair_step.helical_twist 
_ndb_struct_na_base_pair_step.step_number 
_ndb_struct_na_base_pair_step.step_name 
_ndb_struct_na_base_pair_step.i_auth_asym_id_1 
_ndb_struct_na_base_pair_step.i_auth_seq_id_1 
_ndb_struct_na_base_pair_step.i_PDB_ins_code_1 
_ndb_struct_na_base_pair_step.j_auth_asym_id_1 
_ndb_struct_na_base_pair_step.j_auth_seq_id_1 
_ndb_struct_na_base_pair_step.j_PDB_ins_code_1 
_ndb_struct_na_base_pair_step.i_auth_asym_id_2 
_ndb_struct_na_base_pair_step.i_auth_seq_id_2 
_ndb_struct_na_base_pair_step.i_PDB_ins_code_2 
_ndb_struct_na_base_pair_step.j_auth_asym_id_2 
_ndb_struct_na_base_pair_step.j_auth_seq_id_2 
_ndb_struct_na_base_pair_step.j_PDB_ins_code_2 
1 A DC 1 1_555 A DG 8 7_555 A DT 2 1_555 A DA 7 7_555 0.623  -1.269 3.295 3.194  8.961 31.302 -3.753 -0.573 2.880 16.147 -5.756 
32.682 1 AA_DC1DT2:DA7DG8_AA A 1 ? A 8 ? A 2 ? A 7 ? 
1 A DT 2 1_555 A DA 7 7_555 A DC 3 1_555 A DG 6 7_555 0.006  -1.412 3.311 -1.968 8.643 36.248 -3.313 -0.260 2.905 13.642 3.106  
37.281 2 AA_DT2DC3:DG6DA7_AA A 2 ? A 7 ? A 3 ? A 6 ? 
1 A DC 3 1_555 A DG 6 7_555 A DT 4 1_555 A DA 5 7_555 -0.457 -1.290 3.472 1.195  6.324 40.610 -2.545 0.785  3.230 9.043  -1.709 
41.096 3 AA_DC3DT4:DA5DG6_AA A 3 ? A 6 ? A 4 ? A 5 ? 
1 A DT 4 1_555 A DA 5 7_555 A DA 5 1_555 A DT 4 7_555 0.000  -1.656 3.364 0.000  3.900 15.007 -9.064 0.000  2.843 14.613 0.000  
15.503 4 AA_DT4DA5:DT4DA5_AA A 4 ? A 5 ? A 5 ? A 4 ? 
1 A DA 5 1_555 A DT 4 7_555 A DG 6 1_555 A DC 3 7_555 0.457  -1.290 3.472 -1.195 6.324 40.610 -2.545 -0.785 3.230 9.043  1.709  
41.096 5 AA_DA5DG6:DC3DT4_AA A 5 ? A 4 ? A 6 ? A 3 ? 
1 A DG 6 1_555 A DC 3 7_555 A DA 7 1_555 A DT 2 7_555 -0.006 -1.412 3.311 1.968  8.643 36.248 -3.313 0.260  2.905 13.642 -3.106 
37.281 6 AA_DG6DA7:DT2DC3_AA A 6 ? A 3 ? A 7 ? A 2 ? 
1 A DA 7 1_555 A DT 2 7_555 A DG 8 1_555 A DC 1 7_555 -0.623 -1.269 3.295 -3.194 8.962 31.302 -3.753 0.573  2.880 16.147 5.755  
32.682 7 AA_DA7DG8:DC1DT2_AA A 7 ? A 2 ? A 8 ? A 1 ? 
# 
_atom_sites.entry_id                    1D93 
_atom_sites.fract_transf_matrix[1][1]   0.01797114 
_atom_sites.fract_transf_matrix[1][2]   -0.01516677 
_atom_sites.fract_transf_matrix[1][3]   -0.00032173 
_atom_sites.fract_transf_matrix[2][1]   0.00999706 
_atom_sites.fract_transf_matrix[2][2]   0.01146507 
_atom_sites.fract_transf_matrix[2][3]   0.01793620 
_atom_sites.fract_transf_matrix[3][1]   -0.01994144 
_atom_sites.fract_transf_matrix[3][2]   -0.02419248 
_atom_sites.fract_transf_matrix[3][3]   0.02657889 
_atom_sites.fract_transf_vector[1]      0.222013 
_atom_sites.fract_transf_vector[2]      0.231931 
_atom_sites.fract_transf_vector[3]      0.108872 
# 
loop_
_atom_type.symbol 
C 
N 
O 
P 
# 
loop_
_atom_site.group_PDB 
_atom_site.id 
_atom_site.type_symbol 
_atom_site.label_atom_id 
_atom_site.label_alt_id 
_atom_site.label_comp_id 
_atom_site.label_asym_id 
_atom_site.label_entity_id 
_atom_site.label_seq_id 
_atom_site.pdbx_PDB_ins_code 
_atom_site.Cartn_x 
_atom_site.Cartn_y 
_atom_site.Cartn_z 
_atom_site.occupancy 
_atom_site.B_iso_or_equiv 
_atom_site.pdbx_formal_charge 
_atom_site.auth_seq_id 
_atom_site.auth_comp_id 
_atom_site.auth_asym_id 
_atom_site.auth_atom_id 
_atom_site.pdbx_PDB_model_num 
ATOM   1   O "O5'" . DC  A 1 1 ? -4.386 -1.397  -17.176 1.00 10.00 ? 1  DC  A "O5'" 1 
ATOM   2   C "C5'" . DC  A 1 1 ? -4.297 -0.766  -15.828 1.00 10.00 ? 1  DC  A "C5'" 1 
ATOM   3   C "C4'" . DC  A 1 1 ? -3.441 -1.758  -15.125 1.00 10.00 ? 1  DC  A "C4'" 1 
ATOM   4   O "O4'" . DC  A 1 1 ? -2.057 -1.387  -15.307 1.00 10.00 ? 1  DC  A "O4'" 1 
ATOM   5   C "C3'" . DC  A 1 1 ? -3.453 -2.060  -13.653 1.00 10.00 ? 1  DC  A "C3'" 1 
ATOM   6   O "O3'" . DC  A 1 1 ? -4.575 -2.403  -12.959 1.00 10.00 ? 1  DC  A "O3'" 1 
ATOM   7   C "C2'" . DC  A 1 1 ? -2.358 -3.193  -13.768 1.00 10.00 ? 1  DC  A "C2'" 1 
ATOM   8   C "C1'" . DC  A 1 1 ? -1.386 -2.517  -14.692 1.00 10.00 ? 1  DC  A "C1'" 1 
ATOM   9   N N1    . DC  A 1 1 ? -0.236 -1.947  -14.025 1.00 10.00 ? 1  DC  A N1    1 
ATOM   10  C C2    . DC  A 1 1 ? 0.770  -2.845  -13.683 1.00 10.00 ? 1  DC  A C2    1 
ATOM   11  O O2    . DC  A 1 1 ? 0.660  -4.038  -13.906 1.00 10.00 ? 1  DC  A O2    1 
ATOM   12  N N3    . DC  A 1 1 ? 1.917  -2.350  -13.055 1.00 10.00 ? 1  DC  A N3    1 
ATOM   13  C C4    . DC  A 1 1 ? 2.077  -1.037  -12.834 1.00 10.00 ? 1  DC  A C4    1 
ATOM   14  N N4    . DC  A 1 1 ? 3.255  -0.683  -12.246 1.00 10.00 ? 1  DC  A N4    1 
ATOM   15  C C5    . DC  A 1 1 ? 1.042  -0.152  -13.219 1.00 10.00 ? 1  DC  A C5    1 
ATOM   16  C C6    . DC  A 1 1 ? -0.082 -0.595  -13.820 1.00 10.00 ? 1  DC  A C6    1 
ATOM   17  P P     . DT  A 1 2 ? -5.038 -2.621  -11.425 1.00 10.00 ? 2  DT  A P     1 
ATOM   18  O OP1   . DT  A 1 2 ? -6.485 -2.982  -11.513 1.00 10.00 ? 2  DT  A OP1   1 
ATOM   19  O OP2   . DT  A 1 2 ? -4.476 -1.445  -10.621 1.00 10.00 ? 2  DT  A OP2   1 
ATOM   20  O "O5'" . DT  A 1 2 ? -4.066 -3.856  -10.753 1.00 10.00 ? 2  DT  A "O5'" 1 
ATOM   21  C "C5'" . DT  A 1 2 ? -4.556 -5.290  -11.242 1.00 10.00 ? 2  DT  A "C5'" 1 
ATOM   22  C "C4'" . DT  A 1 2 ? -3.366 -6.185  -10.736 1.00 10.00 ? 2  DT  A "C4'" 1 
ATOM   23  O "O4'" . DT  A 1 2 ? -2.221 -5.381  -11.142 1.00 10.00 ? 2  DT  A "O4'" 1 
ATOM   24  C "C3'" . DT  A 1 2 ? -3.119 -6.057  -9.232  1.00 10.00 ? 2  DT  A "C3'" 1 
ATOM   25  O "O3'" . DT  A 1 2 ? -3.807 -6.832  -8.332  1.00 10.00 ? 2  DT  A "O3'" 1 
ATOM   26  C "C2'" . DT  A 1 2 ? -1.571 -6.433  -9.164  1.00 10.00 ? 2  DT  A "C2'" 1 
ATOM   27  C "C1'" . DT  A 1 2 ? -1.111 -5.614  -10.268 1.00 10.00 ? 2  DT  A "C1'" 1 
ATOM   28  N N1    . DT  A 1 2 ? -0.391 -4.370  -10.026 1.00 10.00 ? 2  DT  A N1    1 
ATOM   29  C C2    . DT  A 1 2 ? 0.975  -4.508  -9.650  1.00 10.00 ? 2  DT  A C2    1 
ATOM   30  O O2    . DT  A 1 2 ? 1.411  -5.634  -9.502  1.00 10.00 ? 2  DT  A O2    1 
ATOM   31  N N3    . DT  A 1 2 ? 1.663  -3.360  -9.452  1.00 10.00 ? 2  DT  A N3    1 
ATOM   32  C C4    . DT  A 1 2 ? 1.163  -2.136  -9.610  1.00 10.00 ? 2  DT  A C4    1 
ATOM   33  O O4    . DT  A 1 2 ? 1.934  -1.121  -9.429  1.00 10.00 ? 2  DT  A O4    1 
ATOM   34  C C5    . DT  A 1 2 ? -0.210 -2.008  -9.991  1.00 10.00 ? 2  DT  A C5    1 
ATOM   35  C C7    . DT  A 1 2 ? -0.795 -0.612  -10.178 1.00 10.00 ? 2  DT  A C7    1 
ATOM   36  C C6    . DT  A 1 2 ? -0.893 -3.109  -10.195 1.00 10.00 ? 2  DT  A C6    1 
ATOM   37  P P     . DC  A 1 3 ? -4.087 -6.373  -6.730  1.00 10.00 ? 3  DC  A P     1 
ATOM   38  O OP1   . DC  A 1 3 ? -4.853 -7.755  -6.440  1.00 10.00 ? 3  DC  A OP1   1 
ATOM   39  O OP2   . DC  A 1 3 ? -4.801 -5.210  -6.696  1.00 10.00 ? 3  DC  A OP2   1 
ATOM   40  O "O5'" . DC  A 1 3 ? -2.700 -6.652  -5.953  1.00 10.00 ? 3  DC  A "O5'" 1 
ATOM   41  C "C5'" . DC  A 1 3 ? -2.261 -8.009  -6.039  1.00 10.00 ? 3  DC  A "C5'" 1 
ATOM   42  C "C4'" . DC  A 1 3 ? -0.945 -8.134  -5.304  1.00 10.00 ? 3  DC  A "C4'" 1 
ATOM   43  O "O4'" . DC  A 1 3 ? 0.044  -7.468  -6.041  1.00 10.00 ? 3  DC  A "O4'" 1 
ATOM   44  C "C3'" . DC  A 1 3 ? -0.992 -7.359  -4.017  1.00 10.00 ? 3  DC  A "C3'" 1 
ATOM   45  O "O3'" . DC  A 1 3 ? -1.583 -8.036  -2.948  1.00 10.00 ? 3  DC  A "O3'" 1 
ATOM   46  C "C2'" . DC  A 1 3 ? 0.548  -7.150  -3.737  1.00 10.00 ? 3  DC  A "C2'" 1 
ATOM   47  C "C1'" . DC  A 1 3 ? 0.932  -6.763  -5.113  1.00 10.00 ? 3  DC  A "C1'" 1 
ATOM   48  N N1    . DC  A 1 3 ? 1.036  -5.354  -5.419  1.00 10.00 ? 3  DC  A N1    1 
ATOM   49  C C2    . DC  A 1 3 ? 2.232  -4.736  -5.159  1.00 10.00 ? 3  DC  A C2    1 
ATOM   50  O O2    . DC  A 1 3 ? 3.130  -5.290  -4.649  1.00 10.00 ? 3  DC  A O2    1 
ATOM   51  N N3    . DC  A 1 3 ? 2.389  -3.395  -5.462  1.00 10.00 ? 3  DC  A N3    1 
ATOM   52  C C4    . DC  A 1 3 ? 1.351  -2.729  -6.002  1.00 10.00 ? 3  DC  A C4    1 
ATOM   53  N N4    . DC  A 1 3 ? 1.582  -1.452  -6.289  1.00 10.00 ? 3  DC  A N4    1 
ATOM   54  C C5    . DC  A 1 3 ? 0.086  -3.332  -6.266  1.00 10.00 ? 3  DC  A C5    1 
ATOM   55  C C6    . DC  A 1 3 ? -0.016 -4.639  -5.976  1.00 10.00 ? 3  DC  A C6    1 
ATOM   56  P P     . DT  A 1 4 ? -1.338 -7.746  -1.379  1.00 10.00 ? 4  DT  A P     1 
ATOM   57  O OP1   . DT  A 1 4 ? -1.138 -9.220  -0.900  1.00 10.00 ? 4  DT  A OP1   1 
ATOM   58  O OP2   . DT  A 1 4 ? -2.564 -6.986  -1.204  1.00 10.00 ? 4  DT  A OP2   1 
ATOM   59  O "O5'" . DT  A 1 4 ? 0.038  -7.177  -0.776  1.00 10.00 ? 4  DT  A "O5'" 1 
ATOM   60  C "C5'" . DT  A 1 4 ? 1.199  -8.073  -0.885  1.00 10.00 ? 4  DT  A "C5'" 1 
ATOM   61  C "C4'" . DT  A 1 4 ? 2.409  -7.479  -0.209  1.00 10.00 ? 4  DT  A "C4'" 1 
ATOM   62  O "O4'" . DT  A 1 4 ? 3.180  -6.656  -0.937  1.00 10.00 ? 4  DT  A "O4'" 1 
ATOM   63  C "C3'" . DT  A 1 4 ? 2.106  -6.639  1.072   1.00 10.00 ? 4  DT  A "C3'" 1 
ATOM   64  O "O3'" . DT  A 1 4 ? 1.578  -7.639  2.010   1.00 10.00 ? 4  DT  A "O3'" 1 
ATOM   65  C "C2'" . DT  A 1 4 ? 3.422  -5.987  1.310   1.00 10.00 ? 4  DT  A "C2'" 1 
ATOM   66  C "C1'" . DT  A 1 4 ? 3.858  -5.645  -0.099  1.00 10.00 ? 4  DT  A "C1'" 1 
ATOM   67  N N1    . DT  A 1 4 ? 3.110  -4.521  -0.708  1.00 10.00 ? 4  DT  A N1    1 
ATOM   68  C C2    . DT  A 1 4 ? 3.722  -3.344  -0.886  1.00 10.00 ? 4  DT  A C2    1 
ATOM   69  O O2    . DT  A 1 4 ? 4.869  -3.147  -0.459  1.00 10.00 ? 4  DT  A O2    1 
ATOM   70  N N3    . DT  A 1 4 ? 3.015  -2.388  -1.477  1.00 10.00 ? 4  DT  A N3    1 
ATOM   71  C C4    . DT  A 1 4 ? 1.707  -2.537  -1.924  1.00 10.00 ? 4  DT  A C4    1 
ATOM   72  O O4    . DT  A 1 4 ? 1.170  -1.521  -2.508  1.00 10.00 ? 4  DT  A O4    1 
ATOM   73  C C5    . DT  A 1 4 ? 1.090  -3.785  -1.803  1.00 10.00 ? 4  DT  A C5    1 
ATOM   74  C C7    . DT  A 1 4 ? -0.313 -3.960  -2.330  1.00 10.00 ? 4  DT  A C7    1 
ATOM   75  C C6    . DT  A 1 4 ? 1.821  -4.772  -1.200  1.00 10.00 ? 4  DT  A C6    1 
ATOM   76  P P     . DA  A 1 5 ? 1.470  -7.179  3.422   1.00 10.00 ? 5  DA  A P     1 
ATOM   77  O OP1   . DA  A 1 5 ? 1.398  -8.176  4.489   1.00 10.00 ? 5  DA  A OP1   1 
ATOM   78  O OP2   . DA  A 1 5 ? 0.278  -6.086  3.433   1.00 10.00 ? 5  DA  A OP2   1 
ATOM   79  O "O5'" . DA  A 1 5 ? 2.932  -6.322  3.716   1.00 10.00 ? 5  DA  A "O5'" 1 
ATOM   80  C "C5'" . DA  A 1 5 ? 2.660  -5.357  4.838   1.00 10.00 ? 5  DA  A "C5'" 1 
ATOM   81  C "C4'" . DA  A 1 5 ? 3.530  -4.191  4.707   1.00 10.00 ? 5  DA  A "C4'" 1 
ATOM   82  O "O4'" . DA  A 1 5 ? 3.466  -3.724  3.362   1.00 10.00 ? 5  DA  A "O4'" 1 
ATOM   83  C "C3'" . DA  A 1 5 ? 3.367  -2.895  5.430   1.00 10.00 ? 5  DA  A "C3'" 1 
ATOM   84  O "O3'" . DA  A 1 5 ? 3.552  -3.048  6.796   1.00 10.00 ? 5  DA  A "O3'" 1 
ATOM   85  C "C2'" . DA  A 1 5 ? 4.534  -2.078  4.732   1.00 10.00 ? 5  DA  A "C2'" 1 
ATOM   86  C "C1'" . DA  A 1 5 ? 4.332  -2.493  3.330   1.00 10.00 ? 5  DA  A "C1'" 1 
ATOM   87  N N9    . DA  A 1 5 ? 3.405  -1.668  2.572   1.00 10.00 ? 5  DA  A N9    1 
ATOM   88  C C8    . DA  A 1 5 ? 2.094  -2.146  2.132   1.00 10.00 ? 5  DA  A C8    1 
ATOM   89  N N7    . DA  A 1 5 ? 1.467  -1.213  1.490   1.00 10.00 ? 5  DA  A N7    1 
ATOM   90  C C5    . DA  A 1 5 ? 2.355  -0.081  1.464   1.00 10.00 ? 5  DA  A C5    1 
ATOM   91  C C6    . DA  A 1 5 ? 2.261  1.198   0.904   1.00 10.00 ? 5  DA  A C6    1 
ATOM   92  N N6    . DA  A 1 5 ? 1.212  1.715   0.228   1.00 10.00 ? 5  DA  A N6    1 
ATOM   93  N N1    . DA  A 1 5 ? 3.344  2.003   1.108   1.00 10.00 ? 5  DA  A N1    1 
ATOM   94  C C2    . DA  A 1 5 ? 4.450  1.562   1.827   1.00 10.00 ? 5  DA  A C2    1 
ATOM   95  N N3    . DA  A 1 5 ? 4.576  0.368   2.363   1.00 10.00 ? 5  DA  A N3    1 
ATOM   96  C C4    . DA  A 1 5 ? 3.531  -0.391  2.156   1.00 10.00 ? 5  DA  A C4    1 
ATOM   97  P P     . DG  A 1 6 ? 3.097  -1.891  7.917   1.00 10.00 ? 6  DG  A P     1 
ATOM   98  O OP1   . DG  A 1 6 ? 3.626  -2.482  9.109   1.00 10.00 ? 6  DG  A OP1   1 
ATOM   99  O OP2   . DG  A 1 6 ? 1.639  -1.816  7.498   1.00 10.00 ? 6  DG  A OP2   1 
ATOM   100 O "O5'" . DG  A 1 6 ? 3.766  -0.488  7.432   1.00 10.00 ? 6  DG  A "O5'" 1 
ATOM   101 C "C5'" . DG  A 1 6 ? 5.066  -0.099  7.982   1.00 10.00 ? 6  DG  A "C5'" 1 
ATOM   102 C "C4'" . DG  A 1 6 ? 5.283  1.346   7.578   1.00 10.00 ? 6  DG  A "C4'" 1 
ATOM   103 O "O4'" . DG  A 1 6 ? 5.246  1.457   6.211   1.00 10.00 ? 6  DG  A "O4'" 1 
ATOM   104 C "C3'" . DG  A 1 6 ? 4.182  2.347   7.992   1.00 10.00 ? 6  DG  A "C3'" 1 
ATOM   105 O "O3'" . DG  A 1 6 ? 4.447  2.737   9.351   1.00 10.00 ? 6  DG  A "O3'" 1 
ATOM   106 C "C2'" . DG  A 1 6 ? 4.559  3.571   7.094   1.00 10.00 ? 6  DG  A "C2'" 1 
ATOM   107 C "C1'" . DG  A 1 6 ? 4.703  2.753   5.848   1.00 10.00 ? 6  DG  A "C1'" 1 
ATOM   108 N N9    . DG  A 1 6 ? 3.402  2.406   5.194   1.00 10.00 ? 6  DG  A N9    1 
ATOM   109 C C8    . DG  A 1 6 ? 2.760  1.244   5.135   1.00 10.00 ? 6  DG  A C8    1 
ATOM   110 N N7    . DG  A 1 6 ? 1.685  1.291   4.382   1.00 10.00 ? 6  DG  A N7    1 
ATOM   111 C C5    . DG  A 1 6 ? 1.655  2.618   3.942   1.00 10.00 ? 6  DG  A C5    1 
ATOM   112 C C6    . DG  A 1 6 ? 0.731  3.340   3.126   1.00 10.00 ? 6  DG  A C6    1 
ATOM   113 O O6    . DG  A 1 6 ? -0.352 2.891   2.606   1.00 10.00 ? 6  DG  A O6    1 
ATOM   114 N N1    . DG  A 1 6 ? 1.084  4.644   2.960   1.00 10.00 ? 6  DG  A N1    1 
ATOM   115 C C2    . DG  A 1 6 ? 2.165  5.169   3.510   1.00 10.00 ? 6  DG  A C2    1 
ATOM   116 N N2    . DG  A 1 6 ? 2.415  6.435   3.163   1.00 10.00 ? 6  DG  A N2    1 
ATOM   117 N N3    . DG  A 1 6 ? 2.998  4.577   4.233   1.00 10.00 ? 6  DG  A N3    1 
ATOM   118 C C4    . DG  A 1 6 ? 2.711  3.297   4.430   1.00 10.00 ? 6  DG  A C4    1 
ATOM   119 P P     . DA  A 1 7 ? 3.362  3.259   10.280  1.00 10.00 ? 7  DA  A P     1 
ATOM   120 O OP1   . DA  A 1 7 ? 3.884  3.447   11.647  1.00 10.00 ? 7  DA  A OP1   1 
ATOM   121 O OP2   . DA  A 1 7 ? 2.332  2.135   10.429  1.00 10.00 ? 7  DA  A OP2   1 
ATOM   122 O "O5'" . DA  A 1 7 ? 2.807  4.577   9.441   1.00 10.00 ? 7  DA  A "O5'" 1 
ATOM   123 C "C5'" . DA  A 1 7 ? 3.821  5.618   9.275   1.00 10.00 ? 7  DA  A "C5'" 1 
ATOM   124 C "C4'" . DA  A 1 7 ? 3.137  6.829   8.748   1.00 10.00 ? 7  DA  A "C4'" 1 
ATOM   125 O "O4'" . DA  A 1 7 ? 3.038  6.801   7.372   1.00 10.00 ? 7  DA  A "O4'" 1 
ATOM   126 C "C3'" . DA  A 1 7 ? 1.799  7.211   9.254   1.00 10.00 ? 7  DA  A "C3'" 1 
ATOM   127 O "O3'" . DA  A 1 7 ? 1.991  8.099   10.421  1.00 10.00 ? 7  DA  A "O3'" 1 
ATOM   128 C "C2'" . DA  A 1 7 ? 1.326  8.205   8.153   1.00 10.00 ? 7  DA  A "C2'" 1 
ATOM   129 C "C1'" . DA  A 1 7 ? 1.869  7.500   6.958   1.00 10.00 ? 7  DA  A "C1'" 1 
ATOM   130 N N9    . DA  A 1 7 ? 0.990  6.387   6.648   1.00 10.00 ? 7  DA  A N9    1 
ATOM   131 C C8    . DA  A 1 7 ? 1.010  5.081   7.137   1.00 10.00 ? 7  DA  A C8    1 
ATOM   132 N N7    . DA  A 1 7 ? 0.050  4.325   6.560   1.00 10.00 ? 7  DA  A N7    1 
ATOM   133 C C5    . DA  A 1 7 ? -0.645 5.195   5.718   1.00 10.00 ? 7  DA  A C5    1 
ATOM   134 C C6    . DA  A 1 7 ? -1.750 5.051   4.865   1.00 10.00 ? 7  DA  A C6    1 
ATOM   135 N N6    . DA  A 1 7 ? -2.346 3.910   4.784   1.00 10.00 ? 7  DA  A N6    1 
ATOM   136 N N1    . DA  A 1 7 ? -2.164 6.164   4.200   1.00 10.00 ? 7  DA  A N1    1 
ATOM   137 C C2    . DA  A 1 7 ? -1.548 7.372   4.327   1.00 10.00 ? 7  DA  A C2    1 
ATOM   138 N N3    . DA  A 1 7 ? -0.510 7.563   5.122   1.00 10.00 ? 7  DA  A N3    1 
ATOM   139 C C4    . DA  A 1 7 ? -0.069 6.496   5.764   1.00 10.00 ? 7  DA  A C4    1 
ATOM   140 P P     . DG  A 1 8 ? 0.611  8.628   11.008  1.00 10.00 ? 8  DG  A P     1 
ATOM   141 O OP1   . DG  A 1 8 ? 0.851  9.802   11.946  1.00 10.00 ? 8  DG  A OP1   1 
ATOM   142 O OP2   . DG  A 1 8 ? 0.103  7.496   11.736  1.00 10.00 ? 8  DG  A OP2   1 
ATOM   143 O "O5'" . DG  A 1 8 ? -0.039 9.289   9.688   1.00 10.00 ? 8  DG  A "O5'" 1 
ATOM   144 C "C5'" . DG  A 1 8 ? 0.224  10.742  9.722   1.00 10.00 ? 8  DG  A "C5'" 1 
ATOM   145 C "C4'" . DG  A 1 8 ? -0.853 11.446  8.996   1.00 10.00 ? 8  DG  A "C4'" 1 
ATOM   146 O "O4'" . DG  A 1 8 ? -1.216 11.029  7.714   1.00 10.00 ? 8  DG  A "O4'" 1 
ATOM   147 C "C3'" . DG  A 1 8 ? -2.132 11.726  9.797   1.00 10.00 ? 8  DG  A "C3'" 1 
ATOM   148 O "O3'" . DG  A 1 8 ? -2.007 13.152  10.165  1.00 10.00 ? 8  DG  A "O3'" 1 
ATOM   149 C "C2'" . DG  A 1 8 ? -3.294 11.523  8.846   1.00 10.00 ? 8  DG  A "C2'" 1 
ATOM   150 C "C1'" . DG  A 1 8 ? -2.686 10.857  7.657   1.00 10.00 ? 8  DG  A "C1'" 1 
ATOM   151 N N9    . DG  A 1 8 ? -3.022 9.432   7.601   1.00 10.00 ? 8  DG  A N9    1 
ATOM   152 C C8    . DG  A 1 8 ? -2.374 8.426   8.241   1.00 10.00 ? 8  DG  A C8    1 
ATOM   153 N N7    . DG  A 1 8 ? -2.854 7.243   7.970   1.00 10.00 ? 8  DG  A N7    1 
ATOM   154 C C5    . DG  A 1 8 ? -3.902 7.498   7.081   1.00 10.00 ? 8  DG  A C5    1 
ATOM   155 C C6    . DG  A 1 8 ? -4.846 6.648   6.461   1.00 10.00 ? 8  DG  A C6    1 
ATOM   156 O O6    . DG  A 1 8 ? -4.959 5.412   6.561   1.00 10.00 ? 8  DG  A O6    1 
ATOM   157 N N1    . DG  A 1 8 ? -5.766 7.277   5.640   1.00 10.00 ? 8  DG  A N1    1 
ATOM   158 C C2    . DG  A 1 8 ? -5.758 8.635   5.505   1.00 10.00 ? 8  DG  A C2    1 
ATOM   159 N N2    . DG  A 1 8 ? -6.672 9.125   4.681   1.00 10.00 ? 8  DG  A N2    1 
ATOM   160 N N3    . DG  A 1 8 ? -4.922 9.403   6.097   1.00 10.00 ? 8  DG  A N3    1 
ATOM   161 C C4    . DG  A 1 8 ? -4.002 8.834   6.857   1.00 10.00 ? 8  DG  A C4    1 
HETATM 162 O O     . HOH B 2 . ? 7.168  -0.548  4.482   1.00 10.00 ? 9  HOH A O     1 
HETATM 163 O O     . HOH B 2 . ? 0.129  2.259   9.281   1.00 10.00 ? 10 HOH A O     1 
HETATM 164 O O     . HOH B 2 . ? 3.299  11.171  11.418  1.00 10.00 ? 11 HOH A O     1 
HETATM 165 O O     . HOH B 2 . ? -1.802 -0.236  -6.178  1.00 10.00 ? 12 HOH A O     1 
HETATM 166 O O     . HOH B 2 . ? -7.803 -1.081  -12.530 1.00 10.00 ? 13 HOH A O     1 
HETATM 167 O O     . HOH B 2 . ? 0.222  1.100   -6.481  1.00 10.00 ? 14 HOH A O     1 
HETATM 168 O O     . HOH B 2 . ? 1.957  -1.548  11.393  1.00 10.00 ? 15 HOH A O     1 
HETATM 169 O O     . HOH B 2 . ? -1.201 -0.191  3.215   1.00 10.00 ? 16 HOH A O     1 
HETATM 170 O O     . HOH B 2 . ? -0.418 2.770   -11.235 1.00 10.00 ? 17 HOH A O     1 
HETATM 171 O O     . HOH B 2 . ? -2.045 -10.725 2.284   1.00 10.00 ? 18 HOH A O     1 
HETATM 172 O O     . HOH B 2 . ? 2.453  2.822   -10.911 1.00 10.00 ? 19 HOH A O     1 
HETATM 173 O O     . HOH B 2 . ? -8.623 1.046   -14.403 1.00 10.00 ? 20 HOH A O     1 
HETATM 174 O O     . HOH B 2 . ? -1.797 -6.070  0.920   1.00 10.00 ? 21 HOH A O     1 
HETATM 175 O O     . HOH B 2 . ? -4.995 -8.550  1.278   1.00 10.00 ? 22 HOH A O     1 
HETATM 176 O O     . HOH B 2 . ? -6.286 12.283  6.366   1.00 10.00 ? 23 HOH A O     1 
HETATM 177 O O     . HOH B 2 . ? -2.965 -10.813 -1.478  1.00 10.00 ? 24 HOH A O     1 
HETATM 178 O O     . HOH B 2 . ? -1.396 -8.876  4.487   1.00 10.00 ? 25 HOH A O     1 
HETATM 179 O O     . HOH B 2 . ? 5.371  -7.638  -5.032  1.00 10.00 ? 26 HOH A O     1 
HETATM 180 O O     . HOH B 2 . ? -3.268 1.024   -10.710 1.00 10.00 ? 27 HOH A O     1 
HETATM 181 O O     . HOH B 2 . ? 4.108  0.133   15.308  1.00 10.00 ? 28 HOH A O     1 
HETATM 182 O O     . HOH B 2 . ? -9.821 -5.091  -9.845  1.00 10.00 ? 29 HOH A O     1 
HETATM 183 O O     . HOH B 2 . ? -8.049 -2.728  -9.221  1.00 10.00 ? 30 HOH A O     1 
HETATM 184 O O     . HOH B 2 . ? -4.298 -9.631  3.259   1.00 10.00 ? 31 HOH A O     1 
HETATM 185 O O     . HOH B 2 . ? -4.430 -1.153  -8.041  1.00 10.00 ? 32 HOH A O     1 
HETATM 186 O O     . HOH B 2 . ? -1.275 14.355  7.712   1.00 10.00 ? 33 HOH A O     1 
HETATM 187 O O     . HOH B 2 . ? -3.869 -12.442 3.935   1.00 10.00 ? 34 HOH A O     1 
HETATM 188 O O     . HOH B 2 . ? -3.900 -10.754 0.778   1.00 10.00 ? 35 HOH A O     1 
HETATM 189 O O     . HOH B 2 . ? -1.944 12.574  3.609   1.00 10.00 ? 36 HOH A O     1 
HETATM 190 O O     . HOH B 2 . ? -7.086 -1.540  4.130   1.00 10.00 ? 37 HOH A O     1 
HETATM 191 O O     . HOH B 2 . ? 0.530  4.578   -13.689 1.00 10.00 ? 38 HOH A O     1 
HETATM 192 O O     . HOH B 2 . ? -4.081 13.307  4.537   1.00 10.00 ? 39 HOH A O     1 
HETATM 193 O O     . HOH B 2 . ? 5.075  2.292   13.885  1.00 10.00 ? 40 HOH A O     1 
HETATM 194 O O     . HOH B 2 . ? -0.420 10.852  5.550   1.00 10.00 ? 41 HOH A O     1 
HETATM 195 O O     . HOH B 2 . ? -4.236 15.084  7.799   1.00 10.00 ? 42 HOH A O     1 
HETATM 196 O O     . HOH B 2 . ? 3.228  -0.290  13.153  1.00 10.00 ? 43 HOH A O     1 
# 
